data_3EZO
#
_entry.id   3EZO
#
_cell.length_a   54.920
_cell.length_b   117.470
_cell.length_c   44.530
_cell.angle_alpha   90.00
_cell.angle_beta   90.00
_cell.angle_gamma   90.00
#
_symmetry.space_group_name_H-M   'P 21 21 2'
#
loop_
_entity.id
_entity.type
_entity.pdbx_description
1 polymer 'Malonyl CoA-acyl carrier protein transacylase'
2 water water
#
_entity_poly.entity_id   1
_entity_poly.type   'polypeptide(L)'
_entity_poly.pdbx_seq_one_letter_code
;MAHHHHHHMKFAFVFPGQGSQSVGMLNAFADVAVVRETLDEASDALGQDIGKLIADGPADELNLTTNTQPVMLTAAYACY
RAWQQAGGAQPSIVAGHSLGEYTALVAAGAIAFRDALPLVRFRAQAMQTAVPVGVGGMAAILGLDDDTVRAVCAEASATG
VVEAVNFNAPAQVVIAGTKAGIEKACEIAKEKGAKRALPLPVSAPFHSSLLKPASDKLREYLAGVDVKAPKISVVNNIDV
AVVSDPAAIKDALVRQAAGPVRWVECVQHIAREGVTHVIECGPGKVLAGLTKRIDGNLVGASVFDPASLDEALKLAAA
;
_entity_poly.pdbx_strand_id   A
#
# COMPACT_ATOMS: atom_id res chain seq x y z
N MET A 9 15.59 -13.54 -17.04
CA MET A 9 14.13 -13.48 -16.63
C MET A 9 13.73 -12.11 -16.07
N LYS A 10 12.48 -11.72 -16.35
CA LYS A 10 11.94 -10.44 -15.90
C LYS A 10 11.46 -10.58 -14.49
N PHE A 11 11.63 -9.55 -13.69
CA PHE A 11 10.99 -9.55 -12.39
C PHE A 11 10.24 -8.26 -12.10
N ALA A 12 9.30 -8.38 -11.16
CA ALA A 12 8.54 -7.29 -10.61
C ALA A 12 8.92 -7.07 -9.16
N PHE A 13 8.86 -5.81 -8.76
CA PHE A 13 8.88 -5.43 -7.37
C PHE A 13 7.48 -4.94 -6.97
N VAL A 14 6.96 -5.46 -5.86
CA VAL A 14 5.75 -4.92 -5.25
C VAL A 14 6.07 -4.34 -3.85
N PHE A 15 5.50 -3.18 -3.55
CA PHE A 15 5.84 -2.40 -2.34
C PHE A 15 4.64 -2.35 -1.37
N PRO A 16 4.88 -2.68 -0.08
CA PRO A 16 3.81 -2.72 0.95
C PRO A 16 3.33 -1.35 1.42
N GLY A 17 2.16 -1.31 2.03
CA GLY A 17 1.66 -0.08 2.61
C GLY A 17 1.43 -0.24 4.09
N GLN A 18 0.47 0.53 4.61
CA GLN A 18 0.17 0.55 6.02
C GLN A 18 -0.20 -0.83 6.52
N GLY A 19 0.19 -1.13 7.74
CA GLY A 19 -0.13 -2.42 8.31
C GLY A 19 1.04 -3.37 8.25
N SER A 20 2.13 -3.01 7.54
CA SER A 20 3.29 -3.92 7.45
C SER A 20 4.42 -3.51 8.40
N GLN A 21 4.20 -2.45 9.17
CA GLN A 21 5.25 -1.89 10.01
C GLN A 21 5.34 -2.62 11.35
N SER A 22 6.53 -2.54 11.97
CA SER A 22 6.77 -3.02 13.33
C SER A 22 8.04 -2.34 13.88
N VAL A 23 8.10 -2.25 15.20
CA VAL A 23 9.19 -1.60 15.90
C VAL A 23 10.37 -2.53 15.68
N GLY A 24 11.50 -1.96 15.24
CA GLY A 24 12.71 -2.72 15.01
C GLY A 24 12.85 -3.27 13.62
N MET A 25 11.90 -2.98 12.72
CA MET A 25 11.89 -3.66 11.42
C MET A 25 13.10 -3.41 10.51
N LEU A 26 13.83 -2.31 10.69
CA LEU A 26 15.06 -2.08 9.92
C LEU A 26 16.35 -2.36 10.69
N ASN A 27 16.26 -3.04 11.83
CA ASN A 27 17.46 -3.24 12.65
C ASN A 27 18.54 -3.99 11.91
N ALA A 28 18.14 -4.97 11.13
CA ALA A 28 19.07 -5.82 10.44
C ALA A 28 19.84 -5.06 9.35
N PHE A 29 19.31 -3.91 8.94
CA PHE A 29 19.95 -3.04 7.96
C PHE A 29 20.73 -1.88 8.60
N ALA A 30 20.87 -1.89 9.93
CA ALA A 30 21.43 -0.75 10.69
C ALA A 30 22.81 -0.31 10.18
N ASP A 31 23.55 -1.25 9.60
CA ASP A 31 24.91 -0.97 9.13
C ASP A 31 25.06 -1.00 7.62
N VAL A 32 23.95 -0.76 6.90
CA VAL A 32 24.02 -0.62 5.44
C VAL A 32 23.94 0.87 5.17
N ALA A 33 25.00 1.39 4.56
CA ALA A 33 25.20 2.82 4.41
C ALA A 33 23.98 3.50 3.74
N VAL A 34 23.44 2.92 2.66
CA VAL A 34 22.29 3.58 2.01
C VAL A 34 21.04 3.61 2.85
N VAL A 35 20.86 2.62 3.72
CA VAL A 35 19.71 2.61 4.63
C VAL A 35 19.87 3.75 5.62
N ARG A 36 21.07 3.88 6.17
CA ARG A 36 21.35 5.04 7.02
C ARG A 36 21.07 6.39 6.35
N GLU A 37 21.47 6.54 5.08
CA GLU A 37 21.31 7.79 4.38
C GLU A 37 19.84 8.05 4.05
N THR A 38 19.08 7.00 3.79
CA THR A 38 17.64 7.11 3.54
C THR A 38 16.85 7.53 4.78
N LEU A 39 17.22 6.97 5.93
CA LEU A 39 16.63 7.38 7.22
C LEU A 39 17.02 8.80 7.55
N ASP A 40 18.25 9.19 7.19
CA ASP A 40 18.66 10.58 7.40
C ASP A 40 17.85 11.52 6.54
N GLU A 41 17.68 11.15 5.28
CA GLU A 41 16.92 11.99 4.33
C GLU A 41 15.48 12.15 4.82
N ALA A 42 14.88 11.04 5.22
CA ALA A 42 13.50 11.06 5.76
C ALA A 42 13.37 11.99 7.00
N SER A 43 14.34 11.90 7.92
CA SER A 43 14.33 12.76 9.16
C SER A 43 14.49 14.22 8.78
N ASP A 44 15.40 14.47 7.84
CA ASP A 44 15.55 15.84 7.38
C ASP A 44 14.23 16.36 6.75
N ALA A 45 13.57 15.54 5.91
CA ALA A 45 12.31 15.98 5.30
C ALA A 45 11.17 16.15 6.32
N LEU A 46 11.09 15.28 7.33
CA LEU A 46 9.93 15.25 8.22
C LEU A 46 10.12 15.94 9.57
N GLY A 47 11.37 16.23 9.95
CA GLY A 47 11.61 16.99 11.17
C GLY A 47 11.68 16.15 12.41
N GLN A 48 11.58 14.83 12.29
CA GLN A 48 11.86 13.98 13.44
C GLN A 48 12.78 12.81 13.09
N ASP A 49 13.38 12.20 14.10
CA ASP A 49 14.24 11.04 13.91
C ASP A 49 13.48 9.76 13.50
N ILE A 50 13.42 9.54 12.18
CA ILE A 50 12.64 8.40 11.65
C ILE A 50 13.30 7.07 11.96
N GLY A 51 14.62 7.05 11.85
CA GLY A 51 15.37 5.89 12.34
C GLY A 51 15.02 5.44 13.75
N LYS A 52 15.03 6.36 14.70
CA LYS A 52 14.74 5.99 16.08
C LYS A 52 13.24 5.71 16.28
N LEU A 53 12.37 6.45 15.58
CA LEU A 53 10.93 6.16 15.61
C LEU A 53 10.68 4.72 15.24
N ILE A 54 11.30 4.27 14.14
CA ILE A 54 11.17 2.89 13.69
C ILE A 54 11.83 1.91 14.65
N ALA A 55 13.04 2.22 15.10
CA ALA A 55 13.83 1.27 15.88
C ALA A 55 13.25 1.10 17.27
N ASP A 56 12.77 2.20 17.86
CA ASP A 56 12.37 2.21 19.28
C ASP A 56 10.89 2.46 19.49
N GLY A 57 10.18 2.95 18.49
CA GLY A 57 8.75 3.25 18.66
C GLY A 57 8.55 4.38 19.67
N PRO A 58 7.67 4.17 20.65
CA PRO A 58 6.83 3.01 20.92
C PRO A 58 5.88 2.71 19.77
N ALA A 59 5.28 1.53 19.81
CA ALA A 59 4.37 1.11 18.78
C ALA A 59 3.20 2.11 18.59
N ASP A 60 2.75 2.75 19.67
CA ASP A 60 1.62 3.69 19.57
C ASP A 60 1.96 4.92 18.72
N GLU A 61 3.22 5.36 18.78
CA GLU A 61 3.72 6.41 17.87
C GLU A 61 3.88 5.88 16.44
N LEU A 62 4.47 4.68 16.30
CA LEU A 62 4.80 4.14 14.99
C LEU A 62 3.50 3.89 14.23
N ASN A 63 2.45 3.50 14.96
CA ASN A 63 1.15 3.21 14.36
C ASN A 63 0.22 4.40 14.17
N LEU A 64 0.60 5.62 14.50
CA LEU A 64 -0.22 6.76 14.09
C LEU A 64 -0.11 6.87 12.55
N THR A 65 -1.23 6.93 11.85
CA THR A 65 -1.20 6.86 10.37
C THR A 65 -0.34 7.95 9.73
N THR A 66 -0.33 9.14 10.31
CA THR A 66 0.54 10.24 9.86
C THR A 66 2.03 9.90 9.97
N ASN A 67 2.37 8.92 10.82
CA ASN A 67 3.72 8.36 10.88
C ASN A 67 3.81 7.11 10.05
N THR A 68 2.81 6.23 10.13
CA THR A 68 2.88 4.95 9.45
C THR A 68 3.11 5.14 7.93
N GLN A 69 2.42 6.10 7.29
CA GLN A 69 2.52 6.23 5.82
C GLN A 69 3.96 6.66 5.38
N PRO A 70 4.49 7.74 5.96
CA PRO A 70 5.90 8.04 5.65
C PRO A 70 6.92 6.98 6.17
N VAL A 71 6.63 6.33 7.28
CA VAL A 71 7.46 5.23 7.74
C VAL A 71 7.53 4.07 6.73
N MET A 72 6.38 3.72 6.15
CA MET A 72 6.35 2.58 5.24
C MET A 72 6.94 2.91 3.86
N LEU A 73 6.82 4.15 3.45
CA LEU A 73 7.48 4.66 2.25
C LEU A 73 8.99 4.60 2.46
N THR A 74 9.44 5.14 3.59
CA THR A 74 10.89 5.15 3.93
C THR A 74 11.48 3.75 4.02
N ALA A 75 10.82 2.87 4.75
CA ALA A 75 11.36 1.54 5.04
C ALA A 75 11.46 0.70 3.78
N ALA A 76 10.38 0.71 3.01
CA ALA A 76 10.36 0.00 1.73
C ALA A 76 11.30 0.62 0.73
N TYR A 77 11.36 1.94 0.66
CA TYR A 77 12.32 2.57 -0.26
C TYR A 77 13.79 2.33 0.16
N ALA A 78 14.05 2.36 1.45
CA ALA A 78 15.36 1.99 1.99
C ALA A 78 15.76 0.66 1.45
N CYS A 79 14.81 -0.27 1.42
CA CYS A 79 15.09 -1.61 0.97
C CYS A 79 15.39 -1.65 -0.52
N TYR A 80 14.74 -0.78 -1.27
CA TYR A 80 14.97 -0.66 -2.70
C TYR A 80 16.36 -0.11 -2.97
N ARG A 81 16.74 0.96 -2.24
CA ARG A 81 18.06 1.53 -2.37
C ARG A 81 19.16 0.50 -1.98
N ALA A 82 18.93 -0.33 -0.96
CA ALA A 82 19.89 -1.43 -0.58
C ALA A 82 20.03 -2.46 -1.70
N TRP A 83 18.91 -2.78 -2.34
CA TRP A 83 18.93 -3.68 -3.48
C TRP A 83 19.87 -3.12 -4.56
N GLN A 84 19.75 -1.83 -4.87
CA GLN A 84 20.61 -1.18 -5.87
C GLN A 84 22.10 -1.15 -5.47
N GLN A 85 22.36 -0.73 -4.22
CA GLN A 85 23.70 -0.67 -3.62
C GLN A 85 24.39 -2.03 -3.73
N ALA A 86 23.60 -3.10 -3.61
CA ALA A 86 24.07 -4.46 -3.75
C ALA A 86 24.23 -4.90 -5.19
N GLY A 87 23.91 -4.04 -6.15
CA GLY A 87 24.01 -4.41 -7.55
C GLY A 87 22.79 -5.10 -8.17
N GLY A 88 21.65 -5.01 -7.49
CA GLY A 88 20.43 -5.63 -8.01
C GLY A 88 19.90 -4.89 -9.23
N ALA A 89 19.38 -5.60 -10.20
CA ALA A 89 18.86 -4.98 -11.44
C ALA A 89 17.55 -4.23 -11.18
N GLN A 90 17.20 -3.34 -12.08
CA GLN A 90 15.93 -2.65 -12.04
C GLN A 90 14.84 -3.66 -12.39
N PRO A 91 13.75 -3.70 -11.61
CA PRO A 91 12.63 -4.53 -12.04
C PRO A 91 12.03 -4.02 -13.35
N SER A 92 11.30 -4.89 -14.04
CA SER A 92 10.71 -4.47 -15.32
C SER A 92 9.33 -3.83 -15.13
N ILE A 93 8.72 -4.06 -13.98
CA ILE A 93 7.42 -3.52 -13.66
C ILE A 93 7.27 -3.49 -12.14
N VAL A 94 6.61 -2.45 -11.64
CA VAL A 94 6.37 -2.30 -10.24
C VAL A 94 4.91 -1.97 -9.95
N ALA A 95 4.52 -2.18 -8.68
CA ALA A 95 3.23 -1.79 -8.16
C ALA A 95 3.38 -1.75 -6.65
N GLY A 96 2.45 -1.10 -5.98
CA GLY A 96 2.37 -1.15 -4.51
C GLY A 96 0.94 -1.00 -4.00
N HIS A 97 0.71 -1.49 -2.80
CA HIS A 97 -0.61 -1.62 -2.22
C HIS A 97 -0.93 -0.36 -1.40
N SER A 98 -1.82 0.48 -2.00
CA SER A 98 -2.32 1.72 -1.43
C SER A 98 -1.14 2.67 -1.22
N LEU A 99 -0.70 2.88 0.03
CA LEU A 99 0.49 3.71 0.28
C LEU A 99 1.68 3.25 -0.57
N GLY A 100 1.84 1.96 -0.72
CA GLY A 100 2.94 1.39 -1.47
C GLY A 100 3.03 1.81 -2.93
N GLU A 101 1.93 2.33 -3.47
CA GLU A 101 1.93 2.81 -4.87
C GLU A 101 2.85 4.02 -4.98
N TYR A 102 2.91 4.79 -3.91
CA TYR A 102 3.81 5.93 -3.84
C TYR A 102 5.26 5.50 -3.89
N THR A 103 5.61 4.48 -3.16
CA THR A 103 6.98 3.94 -3.12
C THR A 103 7.39 3.41 -4.53
N ALA A 104 6.45 2.73 -5.17
CA ALA A 104 6.63 2.24 -6.51
C ALA A 104 6.93 3.42 -7.44
N LEU A 105 6.16 4.52 -7.34
CA LEU A 105 6.40 5.70 -8.17
C LEU A 105 7.77 6.33 -7.94
N VAL A 106 8.23 6.23 -6.69
CA VAL A 106 9.56 6.72 -6.35
C VAL A 106 10.62 5.85 -6.96
N ALA A 107 10.53 4.54 -6.76
CA ALA A 107 11.43 3.58 -7.38
C ALA A 107 11.48 3.77 -8.91
N ALA A 108 10.31 4.06 -9.52
CA ALA A 108 10.18 4.26 -10.99
C ALA A 108 10.64 5.64 -11.45
N GLY A 109 11.08 6.47 -10.54
CA GLY A 109 11.63 7.80 -10.94
C GLY A 109 10.53 8.81 -11.26
N ALA A 110 9.28 8.49 -10.97
CA ALA A 110 8.19 9.42 -11.23
C ALA A 110 8.11 10.56 -10.20
N ILE A 111 8.44 10.26 -8.94
CA ILE A 111 8.36 11.21 -7.84
C ILE A 111 9.66 11.12 -7.05
N ALA A 112 10.33 12.23 -6.81
CA ALA A 112 11.55 12.18 -6.03
C ALA A 112 11.21 11.79 -4.58
N PHE A 113 12.02 10.91 -4.00
CA PHE A 113 11.82 10.49 -2.61
C PHE A 113 11.66 11.66 -1.66
N ARG A 114 12.45 12.71 -1.87
CA ARG A 114 12.40 13.89 -1.02
C ARG A 114 11.04 14.54 -1.13
N ASP A 115 10.40 14.44 -2.30
CA ASP A 115 9.04 14.99 -2.47
C ASP A 115 7.98 14.03 -1.96
N ALA A 116 8.24 12.76 -2.06
CA ALA A 116 7.27 11.76 -1.66
C ALA A 116 7.01 11.78 -0.15
N LEU A 117 8.00 12.25 0.61
CA LEU A 117 7.91 12.20 2.06
C LEU A 117 6.79 13.11 2.60
N PRO A 118 6.83 14.44 2.33
CA PRO A 118 5.71 15.27 2.81
C PRO A 118 4.39 14.96 2.07
N LEU A 119 4.46 14.36 0.89
CA LEU A 119 3.25 14.02 0.14
C LEU A 119 2.47 12.97 0.89
N VAL A 120 3.13 11.90 1.36
CA VAL A 120 2.42 10.82 2.03
C VAL A 120 2.05 11.20 3.45
N ARG A 121 2.83 12.06 4.10
N ARG A 121 2.83 12.07 4.10
CA ARG A 121 2.39 12.65 5.38
CA ARG A 121 2.38 12.62 5.39
C ARG A 121 1.07 13.40 5.19
C ARG A 121 1.07 13.40 5.19
N PHE A 122 1.04 14.25 4.17
CA PHE A 122 -0.19 14.96 3.84
C PHE A 122 -1.33 14.00 3.49
N ARG A 123 -1.06 12.99 2.65
CA ARG A 123 -2.06 12.00 2.31
C ARG A 123 -2.65 11.38 3.57
N ALA A 124 -1.80 11.00 4.51
CA ALA A 124 -2.26 10.43 5.79
C ALA A 124 -3.19 11.39 6.51
N GLN A 125 -2.81 12.65 6.59
CA GLN A 125 -3.62 13.69 7.27
C GLN A 125 -5.01 13.83 6.57
N ALA A 126 -4.99 13.93 5.24
CA ALA A 126 -6.18 14.02 4.43
C ALA A 126 -7.15 12.86 4.63
N MET A 127 -6.64 11.64 4.54
CA MET A 127 -7.45 10.45 4.66
C MET A 127 -8.05 10.28 6.09
N GLN A 128 -7.29 10.70 7.10
CA GLN A 128 -7.73 10.55 8.49
C GLN A 128 -8.81 11.58 8.86
N THR A 129 -8.85 12.74 8.18
CA THR A 129 -9.79 13.77 8.52
C THR A 129 -10.89 14.06 7.46
N ALA A 130 -11.04 13.17 6.47
CA ALA A 130 -12.02 13.39 5.40
C ALA A 130 -13.46 13.38 5.96
N VAL A 131 -13.73 12.47 6.90
CA VAL A 131 -15.06 12.37 7.48
C VAL A 131 -14.98 12.53 8.99
N PRO A 132 -16.08 12.96 9.60
CA PRO A 132 -16.03 13.16 11.03
C PRO A 132 -15.72 11.90 11.82
N VAL A 133 -15.13 12.09 12.98
CA VAL A 133 -14.71 10.99 13.84
C VAL A 133 -15.86 10.04 14.12
N GLY A 134 -15.58 8.74 14.05
CA GLY A 134 -16.57 7.71 14.35
C GLY A 134 -17.60 7.43 13.26
N VAL A 135 -17.54 8.16 12.15
CA VAL A 135 -18.50 7.96 11.04
C VAL A 135 -18.37 6.56 10.40
N GLY A 136 -17.13 6.16 10.19
CA GLY A 136 -16.92 4.91 9.49
C GLY A 136 -15.71 4.14 9.88
N GLY A 137 -15.52 3.03 9.16
CA GLY A 137 -14.40 2.12 9.38
C GLY A 137 -14.25 1.11 8.28
N MET A 138 -13.53 0.03 8.62
CA MET A 138 -13.14 -1.01 7.71
C MET A 138 -13.33 -2.40 8.34
N ALA A 139 -13.51 -3.43 7.50
CA ALA A 139 -13.59 -4.81 7.98
C ALA A 139 -12.99 -5.78 7.00
N ALA A 140 -12.53 -6.90 7.53
CA ALA A 140 -11.89 -7.96 6.75
C ALA A 140 -12.85 -9.10 6.61
N ILE A 141 -13.08 -9.52 5.38
CA ILE A 141 -13.96 -10.63 5.08
C ILE A 141 -13.15 -11.73 4.43
N LEU A 142 -13.20 -12.90 5.06
CA LEU A 142 -12.44 -14.05 4.60
C LEU A 142 -13.39 -15.15 4.21
N GLY A 143 -13.10 -15.80 3.08
CA GLY A 143 -13.85 -16.94 2.62
C GLY A 143 -14.86 -16.69 1.50
N LEU A 144 -15.17 -15.43 1.14
CA LEU A 144 -16.16 -15.16 0.06
C LEU A 144 -15.47 -14.55 -1.17
N ASP A 145 -15.91 -14.93 -2.37
CA ASP A 145 -15.31 -14.43 -3.61
C ASP A 145 -15.72 -12.96 -3.81
N ASP A 146 -15.10 -12.25 -4.73
CA ASP A 146 -15.32 -10.83 -4.83
C ASP A 146 -16.78 -10.46 -5.10
N ASP A 147 -17.46 -11.19 -5.98
CA ASP A 147 -18.80 -10.78 -6.36
C ASP A 147 -19.76 -11.00 -5.18
N THR A 148 -19.49 -12.01 -4.35
CA THR A 148 -20.30 -12.28 -3.16
C THR A 148 -20.10 -11.15 -2.15
N VAL A 149 -18.87 -10.70 -1.97
CA VAL A 149 -18.64 -9.61 -1.06
C VAL A 149 -19.36 -8.38 -1.61
N ARG A 150 -19.31 -8.14 -2.90
CA ARG A 150 -20.05 -6.99 -3.46
C ARG A 150 -21.54 -7.07 -3.17
N ALA A 151 -22.10 -8.28 -3.30
CA ALA A 151 -23.54 -8.52 -3.02
C ALA A 151 -23.84 -8.27 -1.56
N VAL A 152 -22.98 -8.79 -0.67
CA VAL A 152 -23.10 -8.50 0.76
C VAL A 152 -23.17 -7.00 1.05
N CYS A 153 -22.28 -6.23 0.45
CA CYS A 153 -22.24 -4.76 0.63
C CYS A 153 -23.46 -4.08 0.05
N ALA A 154 -23.93 -4.54 -1.12
CA ALA A 154 -25.09 -3.94 -1.76
C ALA A 154 -26.32 -4.17 -0.86
N GLU A 155 -26.43 -5.35 -0.29
CA GLU A 155 -27.48 -5.66 0.65
C GLU A 155 -27.38 -4.89 1.99
N ALA A 156 -26.19 -4.87 2.59
CA ALA A 156 -25.92 -4.16 3.83
C ALA A 156 -26.17 -2.62 3.71
N SER A 157 -26.07 -2.11 2.47
CA SER A 157 -26.06 -0.67 2.24
C SER A 157 -27.34 0.05 2.63
N ALA A 158 -28.44 -0.69 2.72
CA ALA A 158 -29.69 -0.12 3.28
C ALA A 158 -29.51 0.45 4.69
N THR A 159 -28.51 -0.03 5.45
CA THR A 159 -28.25 0.50 6.80
C THR A 159 -27.22 1.60 6.82
N GLY A 160 -26.57 1.84 5.70
CA GLY A 160 -25.51 2.84 5.58
C GLY A 160 -24.55 2.37 4.47
N VAL A 161 -23.90 3.32 3.80
CA VAL A 161 -22.95 3.02 2.71
C VAL A 161 -21.87 2.08 3.19
N VAL A 162 -21.60 1.06 2.39
CA VAL A 162 -20.50 0.12 2.63
C VAL A 162 -20.15 -0.50 1.32
N GLU A 163 -18.84 -0.66 1.10
CA GLU A 163 -18.31 -1.05 -0.21
C GLU A 163 -17.13 -2.00 -0.06
N ALA A 164 -16.88 -2.81 -1.10
CA ALA A 164 -15.71 -3.69 -1.12
C ALA A 164 -14.54 -2.87 -1.68
N VAL A 165 -13.52 -2.62 -0.87
CA VAL A 165 -12.52 -1.59 -1.18
C VAL A 165 -11.06 -2.05 -1.33
N ASN A 166 -10.73 -3.26 -0.86
CA ASN A 166 -9.41 -3.90 -1.12
C ASN A 166 -9.63 -5.33 -1.56
N PHE A 167 -9.28 -5.61 -2.81
CA PHE A 167 -9.24 -6.95 -3.31
C PHE A 167 -7.81 -7.50 -3.26
N ASN A 168 -7.51 -8.26 -2.20
CA ASN A 168 -6.16 -8.61 -1.78
C ASN A 168 -5.69 -9.98 -2.23
N ALA A 169 -6.59 -10.95 -2.17
CA ALA A 169 -6.33 -12.30 -2.67
C ALA A 169 -7.66 -12.96 -2.84
N PRO A 170 -7.72 -14.02 -3.62
CA PRO A 170 -8.97 -14.80 -3.63
C PRO A 170 -9.46 -15.07 -2.20
N ALA A 171 -10.73 -14.80 -1.96
CA ALA A 171 -11.34 -15.05 -0.68
C ALA A 171 -10.80 -14.17 0.41
N GLN A 172 -10.20 -13.05 0.02
CA GLN A 172 -9.68 -12.10 0.99
C GLN A 172 -9.99 -10.65 0.54
N VAL A 173 -10.99 -10.05 1.19
CA VAL A 173 -11.53 -8.75 0.77
C VAL A 173 -11.75 -7.87 1.97
N VAL A 174 -11.30 -6.63 1.87
CA VAL A 174 -11.58 -5.65 2.87
C VAL A 174 -12.70 -4.73 2.40
N ILE A 175 -13.64 -4.45 3.28
CA ILE A 175 -14.74 -3.52 3.00
C ILE A 175 -14.60 -2.28 3.88
N ALA A 176 -15.30 -1.23 3.50
CA ALA A 176 -15.20 0.06 4.15
C ALA A 176 -16.46 0.86 3.91
N GLY A 177 -16.80 1.72 4.87
CA GLY A 177 -18.00 2.60 4.78
C GLY A 177 -18.44 3.05 6.17
N THR A 178 -19.75 3.23 6.35
CA THR A 178 -20.29 3.66 7.62
C THR A 178 -20.17 2.57 8.64
N LYS A 179 -20.10 2.98 9.92
CA LYS A 179 -20.08 2.00 11.03
C LYS A 179 -21.23 1.00 10.91
N ALA A 180 -22.45 1.48 10.71
CA ALA A 180 -23.63 0.59 10.56
C ALA A 180 -23.54 -0.36 9.36
N GLY A 181 -23.12 0.16 8.21
CA GLY A 181 -22.97 -0.65 7.00
C GLY A 181 -21.99 -1.79 7.20
N ILE A 182 -20.85 -1.45 7.80
CA ILE A 182 -19.78 -2.41 8.09
C ILE A 182 -20.31 -3.52 9.02
N GLU A 183 -20.95 -3.14 10.13
CA GLU A 183 -21.59 -4.12 11.03
C GLU A 183 -22.58 -5.06 10.34
N LYS A 184 -23.51 -4.49 9.60
CA LYS A 184 -24.51 -5.31 8.87
C LYS A 184 -23.86 -6.19 7.80
N ALA A 185 -22.84 -5.66 7.12
CA ALA A 185 -22.13 -6.45 6.11
C ALA A 185 -21.44 -7.64 6.76
N CYS A 186 -20.80 -7.44 7.91
CA CYS A 186 -20.23 -8.60 8.63
C CYS A 186 -21.27 -9.68 8.97
N GLU A 187 -22.41 -9.23 9.46
CA GLU A 187 -23.51 -10.13 9.83
C GLU A 187 -24.00 -10.91 8.61
N ILE A 188 -24.29 -10.19 7.52
CA ILE A 188 -24.69 -10.85 6.26
C ILE A 188 -23.60 -11.83 5.76
N ALA A 189 -22.34 -11.39 5.83
CA ALA A 189 -21.22 -12.19 5.33
C ALA A 189 -21.16 -13.52 6.05
N LYS A 190 -21.26 -13.47 7.37
CA LYS A 190 -21.32 -14.69 8.21
C LYS A 190 -22.48 -15.58 7.81
N GLU A 191 -23.66 -15.00 7.61
CA GLU A 191 -24.83 -15.79 7.19
C GLU A 191 -24.56 -16.52 5.89
N LYS A 192 -23.83 -15.87 4.98
CA LYS A 192 -23.52 -16.42 3.64
C LYS A 192 -22.34 -17.40 3.67
N GLY A 193 -21.76 -17.60 4.85
CA GLY A 193 -20.77 -18.66 5.06
C GLY A 193 -19.33 -18.19 5.16
N ALA A 194 -19.11 -16.90 5.39
CA ALA A 194 -17.74 -16.37 5.49
C ALA A 194 -17.00 -17.09 6.62
N LYS A 195 -15.73 -17.43 6.36
CA LYS A 195 -14.87 -17.95 7.42
C LYS A 195 -14.64 -16.88 8.47
N ARG A 196 -14.57 -15.62 8.06
CA ARG A 196 -14.38 -14.55 9.02
C ARG A 196 -14.93 -13.27 8.46
N ALA A 197 -15.43 -12.44 9.34
CA ALA A 197 -16.02 -11.16 8.97
C ALA A 197 -15.99 -10.28 10.22
N LEU A 198 -14.93 -9.49 10.33
CA LEU A 198 -14.62 -8.76 11.54
C LEU A 198 -14.09 -7.36 11.24
N PRO A 199 -14.61 -6.37 11.97
CA PRO A 199 -14.09 -5.00 11.94
C PRO A 199 -12.61 -4.94 12.18
N LEU A 200 -11.97 -3.95 11.56
CA LEU A 200 -10.53 -3.79 11.66
C LEU A 200 -10.33 -2.63 12.63
N PRO A 201 -9.17 -2.61 13.33
CA PRO A 201 -8.89 -1.51 14.27
C PRO A 201 -8.49 -0.21 13.55
N VAL A 202 -9.37 0.29 12.70
CA VAL A 202 -9.10 1.46 11.84
C VAL A 202 -10.24 2.44 12.08
N SER A 203 -9.96 3.72 12.00
CA SER A 203 -10.89 4.75 12.50
C SER A 203 -11.60 5.57 11.40
N ALA A 204 -11.31 5.25 10.13
CA ALA A 204 -11.73 6.04 8.98
C ALA A 204 -11.98 5.10 7.81
N PRO A 205 -12.96 5.39 6.96
CA PRO A 205 -13.39 4.45 5.91
C PRO A 205 -12.58 4.56 4.64
N PHE A 206 -11.29 4.23 4.74
CA PHE A 206 -10.38 4.39 3.63
C PHE A 206 -10.83 3.59 2.39
N HIS A 207 -10.59 4.19 1.24
CA HIS A 207 -10.84 3.58 -0.05
C HIS A 207 -12.34 3.42 -0.36
N SER A 208 -13.20 3.98 0.50
CA SER A 208 -14.63 4.14 0.22
C SER A 208 -14.92 5.52 -0.38
N SER A 209 -16.06 5.59 -1.06
CA SER A 209 -16.55 6.85 -1.62
C SER A 209 -16.75 7.93 -0.58
N LEU A 210 -16.90 7.55 0.70
CA LEU A 210 -16.95 8.54 1.78
C LEU A 210 -15.68 9.35 1.93
N LEU A 211 -14.57 8.85 1.37
CA LEU A 211 -13.32 9.57 1.46
C LEU A 211 -13.10 10.59 0.35
N LYS A 212 -14.13 10.94 -0.44
CA LYS A 212 -13.94 11.91 -1.51
C LYS A 212 -13.22 13.20 -1.07
N PRO A 213 -13.50 13.69 0.17
CA PRO A 213 -12.82 14.93 0.55
C PRO A 213 -11.31 14.78 0.62
N ALA A 214 -10.80 13.59 0.93
CA ALA A 214 -9.38 13.35 0.93
C ALA A 214 -8.84 13.46 -0.50
N SER A 215 -9.56 12.88 -1.47
CA SER A 215 -9.19 12.99 -2.88
C SER A 215 -9.10 14.45 -3.30
N ASP A 216 -10.04 15.27 -2.83
CA ASP A 216 -10.04 16.67 -3.21
C ASP A 216 -8.81 17.41 -2.68
N LYS A 217 -8.43 17.14 -1.45
CA LYS A 217 -7.22 17.74 -0.86
C LYS A 217 -5.96 17.25 -1.59
N LEU A 218 -5.94 15.96 -1.92
CA LEU A 218 -4.81 15.38 -2.64
C LEU A 218 -4.62 16.02 -4.00
N ARG A 219 -5.73 16.31 -4.69
CA ARG A 219 -5.66 16.96 -5.99
C ARG A 219 -5.00 18.33 -5.90
N GLU A 220 -5.40 19.12 -4.90
CA GLU A 220 -4.79 20.42 -4.67
C GLU A 220 -3.32 20.28 -4.34
N TYR A 221 -2.99 19.34 -3.45
CA TYR A 221 -1.58 19.12 -3.08
C TYR A 221 -0.74 18.67 -4.27
N LEU A 222 -1.20 17.67 -5.01
CA LEU A 222 -0.44 17.16 -6.16
C LEU A 222 -0.25 18.17 -7.26
N ALA A 223 -1.11 19.20 -7.33
CA ALA A 223 -0.93 20.28 -8.29
C ALA A 223 0.47 20.93 -8.22
N GLY A 224 1.03 20.97 -7.02
CA GLY A 224 2.35 21.53 -6.83
C GLY A 224 3.49 20.54 -6.81
N VAL A 225 3.24 19.24 -7.14
CA VAL A 225 4.30 18.24 -7.06
C VAL A 225 4.80 17.95 -8.48
N ASP A 226 6.12 17.95 -8.64
CA ASP A 226 6.72 17.64 -9.94
C ASP A 226 6.71 16.15 -10.18
N VAL A 227 5.79 15.66 -10.97
CA VAL A 227 5.75 14.26 -11.27
C VAL A 227 6.31 14.12 -12.67
N LYS A 228 7.17 13.14 -12.87
CA LYS A 228 7.83 12.84 -14.12
C LYS A 228 7.38 11.51 -14.68
N ALA A 229 7.53 11.32 -15.99
CA ALA A 229 7.15 10.06 -16.64
C ALA A 229 8.04 8.95 -16.09
N PRO A 230 7.46 7.81 -15.71
CA PRO A 230 8.27 6.77 -15.06
C PRO A 230 9.26 6.09 -16.00
N LYS A 231 10.39 5.67 -15.47
CA LYS A 231 11.36 4.90 -16.21
C LYS A 231 11.11 3.41 -16.06
N ILE A 232 10.16 3.04 -15.19
CA ILE A 232 9.74 1.65 -15.05
C ILE A 232 8.21 1.68 -15.12
N SER A 233 7.62 0.69 -15.80
CA SER A 233 6.15 0.60 -15.84
C SER A 233 5.59 0.45 -14.43
N VAL A 234 4.63 1.30 -14.08
CA VAL A 234 3.88 1.18 -12.83
C VAL A 234 2.42 0.82 -13.17
N VAL A 235 1.89 -0.24 -12.59
CA VAL A 235 0.48 -0.56 -12.71
C VAL A 235 -0.28 -0.03 -11.47
N ASN A 236 -1.30 0.79 -11.71
CA ASN A 236 -1.98 1.48 -10.59
C ASN A 236 -3.11 0.68 -9.97
N ASN A 237 -3.38 0.97 -8.70
CA ASN A 237 -4.37 0.26 -7.93
C ASN A 237 -5.79 0.52 -8.44
N ILE A 238 -6.04 1.75 -8.82
CA ILE A 238 -7.43 2.21 -9.12
C ILE A 238 -7.93 1.67 -10.46
N ASP A 239 -7.09 1.72 -11.49
CA ASP A 239 -7.50 1.38 -12.81
C ASP A 239 -6.82 0.11 -13.36
N VAL A 240 -5.85 -0.45 -12.63
CA VAL A 240 -5.01 -1.50 -13.18
C VAL A 240 -4.42 -1.08 -14.55
N ALA A 241 -3.98 0.18 -14.62
CA ALA A 241 -3.45 0.76 -15.84
C ALA A 241 -2.00 1.14 -15.63
N VAL A 242 -1.24 1.06 -16.71
CA VAL A 242 0.10 1.59 -16.82
C VAL A 242 0.03 2.87 -17.63
N VAL A 243 0.24 4.01 -16.97
CA VAL A 243 0.16 5.31 -17.58
C VAL A 243 1.52 5.98 -17.46
N SER A 244 1.89 6.79 -18.46
CA SER A 244 3.12 7.54 -18.46
C SER A 244 2.97 9.02 -18.24
N ASP A 245 1.79 9.56 -18.59
CA ASP A 245 1.50 10.97 -18.41
C ASP A 245 1.45 11.39 -16.92
N PRO A 246 2.26 12.39 -16.53
CA PRO A 246 2.27 12.89 -15.15
C PRO A 246 0.87 13.25 -14.60
N ALA A 247 0.06 13.95 -15.39
CA ALA A 247 -1.31 14.31 -14.98
C ALA A 247 -2.18 13.08 -14.65
N ALA A 248 -2.03 12.04 -15.48
CA ALA A 248 -2.77 10.78 -15.30
C ALA A 248 -2.32 10.03 -14.04
N ILE A 249 -1.02 10.08 -13.77
CA ILE A 249 -0.46 9.46 -12.54
C ILE A 249 -1.02 10.14 -11.31
N LYS A 250 -0.97 11.46 -11.29
CA LYS A 250 -1.59 12.26 -10.26
C LYS A 250 -3.06 11.91 -10.07
N ASP A 251 -3.82 11.86 -11.18
CA ASP A 251 -5.24 11.61 -11.06
C ASP A 251 -5.54 10.21 -10.49
N ALA A 252 -4.72 9.24 -10.88
CA ALA A 252 -4.82 7.89 -10.33
C ALA A 252 -4.54 7.90 -8.83
N LEU A 253 -3.60 8.72 -8.39
CA LEU A 253 -3.36 8.86 -6.94
C LEU A 253 -4.52 9.54 -6.22
N VAL A 254 -5.13 10.55 -6.85
CA VAL A 254 -6.29 11.28 -6.28
C VAL A 254 -7.46 10.32 -6.09
N ARG A 255 -7.78 9.55 -7.14
CA ARG A 255 -8.93 8.66 -7.08
C ARG A 255 -8.65 7.45 -6.22
N GLN A 256 -7.38 7.08 -6.12
CA GLN A 256 -7.01 5.90 -5.33
C GLN A 256 -7.53 5.96 -3.90
N ALA A 257 -7.47 7.14 -3.30
CA ALA A 257 -7.72 7.30 -1.88
C ALA A 257 -9.15 6.98 -1.51
N ALA A 258 -10.07 7.17 -2.46
CA ALA A 258 -11.49 7.03 -2.18
C ALA A 258 -12.07 5.97 -3.10
N GLY A 259 -11.21 5.13 -3.65
CA GLY A 259 -11.62 4.05 -4.55
C GLY A 259 -10.90 2.76 -4.25
N PRO A 260 -11.39 1.64 -4.85
CA PRO A 260 -10.92 0.30 -4.57
C PRO A 260 -9.50 0.01 -5.00
N VAL A 261 -8.77 -0.67 -4.12
CA VAL A 261 -7.43 -1.14 -4.40
C VAL A 261 -7.58 -2.50 -5.05
N ARG A 262 -7.26 -2.57 -6.34
CA ARG A 262 -7.53 -3.77 -7.12
C ARG A 262 -6.27 -4.62 -7.17
N TRP A 263 -5.89 -5.11 -6.03
CA TRP A 263 -4.54 -5.66 -5.88
C TRP A 263 -4.36 -6.98 -6.62
N VAL A 264 -5.34 -7.87 -6.50
CA VAL A 264 -5.36 -9.10 -7.27
C VAL A 264 -5.11 -8.80 -8.74
N GLU A 265 -5.85 -7.85 -9.30
CA GLU A 265 -5.73 -7.53 -10.71
C GLU A 265 -4.37 -6.95 -11.09
N CYS A 266 -3.75 -6.20 -10.18
CA CYS A 266 -2.42 -5.64 -10.46
C CYS A 266 -1.40 -6.76 -10.62
N VAL A 267 -1.46 -7.73 -9.70
CA VAL A 267 -0.61 -8.92 -9.74
C VAL A 267 -0.86 -9.75 -11.02
N GLN A 268 -2.13 -9.95 -11.39
CA GLN A 268 -2.45 -10.65 -12.61
C GLN A 268 -1.96 -9.93 -13.83
N HIS A 269 -2.00 -8.58 -13.80
CA HIS A 269 -1.51 -7.76 -14.90
C HIS A 269 -0.02 -8.03 -15.07
N ILE A 270 0.69 -8.07 -13.93
CA ILE A 270 2.14 -8.30 -13.92
C ILE A 270 2.47 -9.66 -14.54
N ALA A 271 1.76 -10.69 -14.10
CA ALA A 271 1.89 -12.03 -14.65
C ALA A 271 1.64 -12.10 -16.15
N ARG A 272 0.62 -11.37 -16.65
CA ARG A 272 0.31 -11.38 -18.11
C ARG A 272 1.39 -10.68 -18.91
N GLU A 273 2.24 -9.90 -18.27
CA GLU A 273 3.38 -9.33 -18.98
C GLU A 273 4.54 -10.32 -19.10
N GLY A 274 4.35 -11.54 -18.63
CA GLY A 274 5.41 -12.56 -18.74
C GLY A 274 6.43 -12.50 -17.60
N VAL A 275 6.11 -11.73 -16.55
CA VAL A 275 6.84 -11.78 -15.31
C VAL A 275 6.44 -13.00 -14.49
N THR A 276 7.40 -13.81 -14.11
CA THR A 276 7.18 -14.98 -13.27
C THR A 276 7.78 -14.78 -11.88
N HIS A 277 8.68 -13.82 -11.72
CA HIS A 277 9.26 -13.50 -10.40
C HIS A 277 8.75 -12.19 -9.82
N VAL A 278 8.13 -12.29 -8.65
CA VAL A 278 7.56 -11.15 -7.98
C VAL A 278 8.16 -11.03 -6.57
N ILE A 279 8.92 -9.96 -6.37
CA ILE A 279 9.70 -9.76 -5.16
C ILE A 279 9.03 -8.65 -4.38
N GLU A 280 8.64 -8.96 -3.15
CA GLU A 280 8.12 -7.94 -2.24
C GLU A 280 9.30 -7.18 -1.71
N CYS A 281 9.28 -5.86 -1.91
CA CYS A 281 10.40 -5.02 -1.46
C CYS A 281 9.99 -4.21 -0.23
N GLY A 282 10.46 -4.65 0.92
CA GLY A 282 10.14 -3.98 2.16
C GLY A 282 9.73 -4.94 3.28
N PRO A 283 9.47 -4.41 4.45
CA PRO A 283 9.17 -5.25 5.62
C PRO A 283 7.72 -5.80 5.68
N GLY A 284 7.56 -6.90 6.42
CA GLY A 284 6.24 -7.32 6.90
C GLY A 284 5.68 -8.61 6.31
N LYS A 285 6.23 -9.00 5.16
CA LYS A 285 5.82 -10.21 4.42
C LYS A 285 4.35 -10.24 3.92
N VAL A 286 3.62 -9.13 4.02
CA VAL A 286 2.19 -9.16 3.67
C VAL A 286 1.99 -9.51 2.18
N LEU A 287 2.71 -8.82 1.29
CA LEU A 287 2.48 -8.95 -0.14
C LEU A 287 2.99 -10.27 -0.65
N ALA A 288 4.10 -10.72 -0.05
CA ALA A 288 4.63 -12.07 -0.34
C ALA A 288 3.53 -13.14 -0.25
N GLY A 289 2.78 -13.11 0.86
CA GLY A 289 1.68 -14.06 1.08
C GLY A 289 0.56 -13.91 0.06
N LEU A 290 0.23 -12.67 -0.31
CA LEU A 290 -0.85 -12.48 -1.30
C LEU A 290 -0.45 -13.02 -2.67
N THR A 291 0.82 -12.82 -3.09
CA THR A 291 1.27 -13.30 -4.40
C THR A 291 1.04 -14.82 -4.48
N LYS A 292 1.44 -15.54 -3.41
CA LYS A 292 1.26 -16.99 -3.33
C LYS A 292 -0.21 -17.37 -3.58
N ARG A 293 -1.13 -16.63 -2.97
CA ARG A 293 -2.55 -16.91 -3.07
C ARG A 293 -3.15 -16.55 -4.43
N ILE A 294 -2.66 -15.46 -5.01
CA ILE A 294 -3.16 -14.97 -6.29
C ILE A 294 -2.78 -15.91 -7.46
N ASP A 295 -1.54 -16.40 -7.44
CA ASP A 295 -1.05 -17.18 -8.56
C ASP A 295 0.17 -17.94 -8.07
N GLY A 296 -0.01 -19.24 -7.85
CA GLY A 296 1.03 -20.11 -7.32
C GLY A 296 2.17 -20.42 -8.30
N ASN A 297 2.02 -20.10 -9.59
CA ASN A 297 3.14 -20.30 -10.53
C ASN A 297 4.12 -19.17 -10.41
N LEU A 298 3.73 -18.06 -9.77
CA LEU A 298 4.66 -16.96 -9.60
C LEU A 298 5.70 -17.43 -8.57
N VAL A 299 6.92 -16.91 -8.68
CA VAL A 299 7.98 -17.26 -7.76
C VAL A 299 8.33 -16.05 -6.92
N GLY A 300 8.14 -16.18 -5.62
CA GLY A 300 8.25 -15.04 -4.70
C GLY A 300 9.60 -14.94 -4.03
N ALA A 301 10.03 -13.72 -3.72
CA ALA A 301 11.10 -13.52 -2.74
C ALA A 301 10.78 -12.23 -2.00
N SER A 302 11.66 -11.84 -1.08
CA SER A 302 11.45 -10.58 -0.38
C SER A 302 12.75 -9.96 -0.02
N VAL A 303 12.75 -8.64 -0.04
CA VAL A 303 13.90 -7.87 0.41
C VAL A 303 13.47 -7.07 1.63
N PHE A 304 13.91 -7.54 2.81
CA PHE A 304 13.66 -6.84 4.08
C PHE A 304 14.86 -6.83 5.07
N ASP A 305 15.93 -7.51 4.69
CA ASP A 305 17.18 -7.49 5.45
C ASP A 305 18.29 -8.05 4.53
N PRO A 306 19.56 -8.00 4.97
CA PRO A 306 20.62 -8.44 4.06
C PRO A 306 20.52 -9.88 3.59
N ALA A 307 20.08 -10.80 4.46
CA ALA A 307 20.00 -12.20 4.06
C ALA A 307 18.92 -12.42 2.99
N SER A 308 17.74 -11.87 3.22
CA SER A 308 16.63 -12.00 2.26
C SER A 308 17.04 -11.32 0.94
N LEU A 309 17.73 -10.17 1.01
CA LEU A 309 18.21 -9.48 -0.18
C LEU A 309 19.10 -10.40 -1.02
N ASP A 310 20.07 -11.06 -0.39
CA ASP A 310 20.91 -12.04 -1.12
C ASP A 310 20.15 -13.18 -1.75
N GLU A 311 19.18 -13.74 -1.03
CA GLU A 311 18.33 -14.74 -1.65
C GLU A 311 17.51 -14.19 -2.83
N ALA A 312 17.11 -12.93 -2.74
CA ALA A 312 16.36 -12.31 -3.83
C ALA A 312 17.27 -12.07 -5.02
N LEU A 313 18.50 -11.60 -4.77
CA LEU A 313 19.52 -11.53 -5.83
C LEU A 313 19.61 -12.82 -6.65
N LYS A 314 19.48 -13.99 -6.00
CA LYS A 314 19.53 -15.30 -6.71
C LYS A 314 18.33 -15.44 -7.68
N LEU A 315 17.13 -15.28 -7.14
CA LEU A 315 15.90 -15.52 -7.89
C LEU A 315 15.80 -14.62 -9.11
#